data_6XZ0
#
_entry.id   6XZ0
#
_cell.length_a   99.561
_cell.length_b   99.561
_cell.length_c   61.327
_cell.angle_alpha   90.000
_cell.angle_beta   90.000
_cell.angle_gamma   90.000
#
_symmetry.space_group_name_H-M   'I 4'
#
loop_
_entity.id
_entity.type
_entity.pdbx_description
1 polymer "Streptomycin 3''-adenylyltransferase"
2 non-polymer SPECTINOMYCIN
#
_entity_poly.entity_id   1
_entity_poly.type   'polypeptide(L)'
_entity_poly.pdbx_seq_one_letter_code
;MRRIYLNTYEQINKVKKILRKHLKNNLIGTYMFGSGVESGLKPNSDLDFLVVVSEPLTDQSKEILIQKIRPISKKIGDKS
NLRYIELTIIIQQEMVPWNHPPKQEFIYGEWLQELYEQGYIPQKELNSDLTIMLYQAKRKNKRIYGNYDLEELLPDIPFS
DVRRAIMDSSEELIDNYQDDETNSILTLCRMILTMDTGKIIPKDIAGNAVAESSPLEHRERILLAVRSYLGENIEWTNEN
VNLTINYLNNRLKKLKGHHHHHH
;
_entity_poly.pdbx_strand_id   A
#
# COMPACT_ATOMS: atom_id res chain seq x y z
N TYR A 5 12.62 -22.88 2.03
CA TYR A 5 12.99 -21.76 1.18
C TYR A 5 13.21 -20.50 2.01
N LEU A 6 12.18 -19.66 2.10
CA LEU A 6 12.26 -18.41 2.85
C LEU A 6 11.03 -18.24 3.72
N ASN A 7 11.23 -17.81 4.96
CA ASN A 7 10.15 -17.37 5.82
C ASN A 7 10.24 -15.85 5.99
N THR A 8 9.31 -15.30 6.76
CA THR A 8 9.17 -13.84 6.78
C THR A 8 10.33 -13.17 7.51
N TYR A 9 10.97 -13.85 8.47
CA TYR A 9 12.14 -13.26 9.10
C TYR A 9 13.26 -13.07 8.10
N GLU A 10 13.50 -14.08 7.25
CA GLU A 10 14.47 -13.92 6.18
C GLU A 10 14.06 -12.81 5.22
N GLN A 11 12.75 -12.72 4.92
CA GLN A 11 12.27 -11.68 4.03
C GLN A 11 12.57 -10.29 4.57
N ILE A 12 12.30 -10.07 5.86
CA ILE A 12 12.59 -8.77 6.48
C ILE A 12 14.07 -8.45 6.38
N ASN A 13 14.92 -9.46 6.52
CA ASN A 13 16.35 -9.21 6.66
C ASN A 13 17.04 -9.02 5.31
N LYS A 14 16.67 -9.82 4.31
CA LYS A 14 17.26 -9.63 2.99
C LYS A 14 16.83 -8.30 2.39
N VAL A 15 15.59 -7.88 2.63
CA VAL A 15 15.16 -6.55 2.20
C VAL A 15 15.91 -5.48 2.98
N LYS A 16 16.12 -5.72 4.28
CA LYS A 16 16.86 -4.78 5.11
C LYS A 16 18.29 -4.62 4.63
N LYS A 17 18.94 -5.73 4.27
CA LYS A 17 20.34 -5.68 3.86
C LYS A 17 20.51 -5.27 2.40
N ILE A 18 19.52 -5.57 1.55
CA ILE A 18 19.59 -5.13 0.16
C ILE A 18 19.61 -3.60 0.09
N LEU A 19 18.92 -2.95 1.04
CA LEU A 19 18.83 -1.49 0.98
C LEU A 19 20.06 -0.81 1.57
N ARG A 20 20.67 -1.37 2.59
CA ARG A 20 21.88 -0.74 3.12
C ARG A 20 23.08 -1.01 2.23
N LYS A 21 23.07 -2.11 1.47
CA LYS A 21 24.21 -2.46 0.64
C LYS A 21 24.22 -1.71 -0.68
N HIS A 22 23.05 -1.53 -1.30
CA HIS A 22 22.96 -0.95 -2.63
C HIS A 22 22.51 0.50 -2.64
N LEU A 23 22.39 1.11 -1.46
CA LEU A 23 22.14 2.55 -1.37
C LEU A 23 23.14 3.27 -0.48
N LYS A 24 24.02 2.55 0.22
CA LYS A 24 25.16 3.09 0.97
C LYS A 24 24.62 4.14 1.94
N ASN A 25 25.15 5.36 1.97
CA ASN A 25 24.76 6.41 2.89
C ASN A 25 23.65 7.30 2.36
N ASN A 26 23.23 7.10 1.11
CA ASN A 26 21.99 7.72 0.65
C ASN A 26 20.80 7.23 1.45
N LEU A 27 20.93 6.08 2.10
CA LEU A 27 19.86 5.54 2.93
C LEU A 27 19.82 6.26 4.27
N ILE A 28 18.72 6.94 4.54
CA ILE A 28 18.51 7.58 5.84
C ILE A 28 17.81 6.64 6.81
N GLY A 29 16.68 6.07 6.39
CA GLY A 29 15.95 5.14 7.24
C GLY A 29 15.04 4.28 6.42
N THR A 30 14.72 3.10 6.97
CA THR A 30 13.78 2.17 6.37
C THR A 30 12.78 1.74 7.44
N TYR A 31 11.49 1.73 7.08
CA TYR A 31 10.43 1.55 8.06
C TYR A 31 9.38 0.59 7.51
N MET A 32 8.63 -0.01 8.42
CA MET A 32 7.53 -0.91 8.08
C MET A 32 6.22 -0.32 8.59
N PHE A 33 5.18 -0.41 7.76
CA PHE A 33 3.87 0.12 8.14
C PHE A 33 2.81 -0.84 7.61
N GLY A 34 1.57 -0.37 7.58
CA GLY A 34 0.47 -1.18 7.09
C GLY A 34 -0.08 -2.11 8.14
N SER A 35 -0.88 -3.07 7.66
CA SER A 35 -1.54 -4.05 8.51
C SER A 35 -0.59 -5.09 9.08
N GLY A 36 0.71 -4.96 8.86
CA GLY A 36 1.69 -5.84 9.46
C GLY A 36 2.08 -5.34 10.83
N VAL A 37 2.27 -4.03 10.96
CA VAL A 37 2.48 -3.41 12.26
C VAL A 37 1.14 -3.09 12.93
N GLU A 38 0.22 -2.51 12.17
CA GLU A 38 -1.13 -2.28 12.68
C GLU A 38 -1.86 -3.62 12.84
N SER A 39 -2.57 -3.76 13.95
CA SER A 39 -3.47 -4.90 14.19
C SER A 39 -2.77 -6.25 14.03
N GLY A 40 -1.46 -6.29 14.26
CA GLY A 40 -0.74 -7.55 14.30
C GLY A 40 -0.30 -8.09 12.96
N LEU A 41 0.80 -8.84 12.96
CA LEU A 41 1.37 -9.42 11.74
C LEU A 41 0.81 -10.83 11.56
N LYS A 42 -0.39 -10.90 11.01
CA LYS A 42 -1.01 -12.19 10.72
C LYS A 42 -0.21 -12.91 9.63
N PRO A 43 -0.27 -14.24 9.59
CA PRO A 43 0.46 -14.97 8.53
C PRO A 43 -0.01 -14.60 7.12
N ASN A 44 -1.15 -13.92 6.98
CA ASN A 44 -1.69 -13.55 5.68
C ASN A 44 -1.27 -12.15 5.24
N SER A 45 -0.80 -11.31 6.16
CA SER A 45 -0.56 -9.91 5.86
C SER A 45 0.63 -9.71 4.93
N ASP A 46 0.71 -8.50 4.38
CA ASP A 46 1.73 -8.11 3.42
C ASP A 46 2.78 -7.23 4.09
N LEU A 47 3.97 -7.19 3.50
CA LEU A 47 5.13 -6.49 4.04
C LEU A 47 5.27 -5.16 3.32
N ASP A 48 4.80 -4.09 3.97
CA ASP A 48 4.86 -2.74 3.39
C ASP A 48 6.04 -2.00 3.99
N PHE A 49 7.08 -1.80 3.19
CA PHE A 49 8.26 -1.06 3.60
C PHE A 49 8.19 0.39 3.13
N LEU A 50 8.77 1.28 3.93
CA LEU A 50 8.94 2.68 3.55
C LEU A 50 10.40 3.05 3.74
N VAL A 51 11.00 3.61 2.70
CA VAL A 51 12.43 3.91 2.66
C VAL A 51 12.60 5.40 2.40
N VAL A 52 13.43 6.06 3.20
CA VAL A 52 13.76 7.47 3.05
C VAL A 52 15.19 7.58 2.59
N VAL A 53 15.42 8.32 1.50
CA VAL A 53 16.75 8.54 0.98
C VAL A 53 17.01 10.04 0.96
N SER A 54 18.26 10.40 0.67
CA SER A 54 18.64 11.80 0.57
C SER A 54 18.60 12.29 -0.88
N GLU A 55 19.24 11.58 -1.79
CA GLU A 55 19.39 12.04 -3.16
C GLU A 55 18.69 11.07 -4.11
N PRO A 56 18.32 11.54 -5.31
CA PRO A 56 17.62 10.66 -6.25
C PRO A 56 18.45 9.45 -6.66
N LEU A 57 17.74 8.43 -7.13
CA LEU A 57 18.34 7.23 -7.65
C LEU A 57 18.39 7.31 -9.17
N THR A 58 19.52 6.92 -9.75
CA THR A 58 19.61 6.81 -11.19
C THR A 58 19.04 5.47 -11.63
N ASP A 59 18.55 5.43 -12.88
CA ASP A 59 17.68 4.34 -13.33
C ASP A 59 18.25 2.97 -13.02
N GLN A 60 19.55 2.78 -13.21
CA GLN A 60 20.13 1.47 -12.95
C GLN A 60 20.23 1.16 -11.46
N SER A 61 20.41 2.19 -10.63
CA SER A 61 20.32 1.99 -9.19
C SER A 61 18.92 1.56 -8.80
N LYS A 62 17.90 2.08 -9.48
CA LYS A 62 16.55 1.59 -9.33
C LYS A 62 16.33 0.24 -9.99
N GLU A 63 17.20 -0.15 -10.93
CA GLU A 63 17.04 -1.42 -11.62
C GLU A 63 17.61 -2.57 -10.79
N ILE A 64 18.74 -2.36 -10.12
CA ILE A 64 19.29 -3.41 -9.27
C ILE A 64 18.39 -3.65 -8.07
N LEU A 65 17.69 -2.61 -7.59
CA LEU A 65 16.73 -2.79 -6.51
C LEU A 65 15.57 -3.68 -6.95
N ILE A 66 15.13 -3.53 -8.19
CA ILE A 66 14.09 -4.40 -8.72
C ILE A 66 14.61 -5.83 -8.82
N GLN A 67 15.81 -6.01 -9.39
CA GLN A 67 16.28 -7.35 -9.70
C GLN A 67 16.63 -8.14 -8.45
N LYS A 68 17.09 -7.47 -7.39
CA LYS A 68 17.48 -8.19 -6.19
C LYS A 68 16.29 -8.43 -5.25
N ILE A 69 15.33 -7.50 -5.21
CA ILE A 69 14.12 -7.75 -4.43
C ILE A 69 13.21 -8.76 -5.11
N ARG A 70 13.33 -8.93 -6.43
CA ARG A 70 12.48 -9.80 -7.24
C ARG A 70 12.34 -11.21 -6.65
N PRO A 71 13.42 -11.97 -6.44
CA PRO A 71 13.24 -13.33 -5.91
C PRO A 71 12.86 -13.35 -4.44
N ILE A 72 13.02 -12.23 -3.73
CA ILE A 72 12.73 -12.18 -2.31
C ILE A 72 11.23 -12.20 -2.05
N SER A 73 10.41 -11.81 -3.02
CA SER A 73 9.00 -11.52 -2.82
C SER A 73 8.12 -12.65 -3.35
N LYS A 74 6.83 -12.58 -3.00
CA LYS A 74 5.85 -13.55 -3.42
C LYS A 74 5.17 -13.10 -4.71
N LYS A 75 5.08 -14.01 -5.68
CA LYS A 75 4.36 -13.72 -6.91
C LYS A 75 2.87 -13.96 -6.70
N ILE A 76 2.07 -13.28 -7.53
CA ILE A 76 0.62 -13.23 -7.30
C ILE A 76 0.01 -14.62 -7.32
N GLY A 77 0.53 -15.53 -8.15
CA GLY A 77 0.01 -16.88 -8.19
C GLY A 77 0.63 -17.84 -7.22
N ASP A 78 1.67 -17.42 -6.50
CA ASP A 78 2.38 -18.29 -5.57
C ASP A 78 1.46 -18.79 -4.47
N LYS A 79 1.22 -20.10 -4.44
CA LYS A 79 0.42 -20.73 -3.38
C LYS A 79 1.30 -21.18 -2.23
N SER A 80 2.10 -20.26 -1.68
CA SER A 80 3.07 -20.62 -0.65
C SER A 80 3.01 -19.69 0.56
N ASN A 81 4.00 -19.80 1.43
CA ASN A 81 4.06 -18.99 2.64
C ASN A 81 4.63 -17.61 2.41
N LEU A 82 5.30 -17.39 1.28
CA LEU A 82 5.82 -16.07 0.95
C LEU A 82 4.69 -15.06 0.89
N ARG A 83 4.97 -13.83 1.31
CA ARG A 83 4.01 -12.74 1.25
C ARG A 83 4.53 -11.63 0.38
N TYR A 84 3.62 -10.84 -0.18
CA TYR A 84 3.99 -9.76 -1.08
C TYR A 84 4.88 -8.76 -0.37
N ILE A 85 5.80 -8.18 -1.12
CA ILE A 85 6.69 -7.12 -0.64
C ILE A 85 6.39 -5.87 -1.42
N GLU A 86 5.95 -4.83 -0.72
CA GLU A 86 5.59 -3.53 -1.31
C GLU A 86 6.47 -2.47 -0.64
N LEU A 87 7.42 -1.93 -1.40
CA LEU A 87 8.36 -0.94 -0.88
C LEU A 87 8.28 0.32 -1.72
N THR A 88 8.15 1.46 -1.05
CA THR A 88 8.16 2.76 -1.70
C THR A 88 9.32 3.58 -1.14
N ILE A 89 10.02 4.29 -2.03
CA ILE A 89 11.14 5.15 -1.66
C ILE A 89 10.73 6.59 -1.87
N ILE A 90 10.95 7.41 -0.84
CA ILE A 90 10.73 8.84 -0.93
C ILE A 90 12.03 9.55 -0.56
N ILE A 91 12.13 10.81 -1.00
CA ILE A 91 13.29 11.66 -0.73
C ILE A 91 12.86 12.73 0.26
N GLN A 92 13.66 12.91 1.31
CA GLN A 92 13.26 13.80 2.40
C GLN A 92 13.11 15.24 1.94
N GLN A 93 14.06 15.72 1.12
CA GLN A 93 14.00 17.11 0.68
C GLN A 93 12.81 17.36 -0.25
N GLU A 94 12.39 16.35 -1.00
CA GLU A 94 11.22 16.46 -1.86
C GLU A 94 9.91 16.37 -1.09
N MET A 95 9.96 16.35 0.25
CA MET A 95 8.78 16.25 1.08
C MET A 95 8.41 17.55 1.80
N VAL A 96 9.38 18.44 2.00
CA VAL A 96 9.14 19.75 2.57
C VAL A 96 9.58 20.78 1.50
N PRO A 97 8.72 21.75 1.13
CA PRO A 97 7.42 22.03 1.75
C PRO A 97 6.35 21.01 1.37
N TRP A 98 5.54 20.62 2.35
CA TRP A 98 4.49 19.65 2.11
C TRP A 98 3.52 20.15 1.05
N ASN A 99 3.10 19.24 0.18
CA ASN A 99 2.19 19.58 -0.89
C ASN A 99 1.55 18.29 -1.42
N HIS A 100 0.23 18.27 -1.45
CA HIS A 100 -0.48 17.16 -2.08
C HIS A 100 -0.65 17.45 -3.56
N PRO A 101 -0.31 16.52 -4.46
CA PRO A 101 0.19 15.17 -4.16
C PRO A 101 1.71 15.12 -3.99
N PRO A 102 2.18 14.20 -3.14
CA PRO A 102 3.61 14.16 -2.83
C PRO A 102 4.41 13.45 -3.91
N LYS A 103 5.72 13.62 -3.84
CA LYS A 103 6.65 13.06 -4.82
C LYS A 103 7.14 11.70 -4.36
N GLN A 104 7.36 10.81 -5.32
CA GLN A 104 7.78 9.44 -5.06
C GLN A 104 8.90 9.07 -6.01
N GLU A 105 10.00 8.56 -5.47
CA GLU A 105 11.19 8.27 -6.27
C GLU A 105 11.21 6.84 -6.82
N PHE A 106 10.68 5.87 -6.08
CA PHE A 106 10.74 4.48 -6.50
C PHE A 106 9.59 3.72 -5.86
N ILE A 107 9.18 2.64 -6.53
CA ILE A 107 8.11 1.78 -6.02
C ILE A 107 8.34 0.37 -6.51
N TYR A 108 8.34 -0.59 -5.57
CA TYR A 108 8.26 -1.99 -5.92
C TYR A 108 6.86 -2.50 -5.60
N GLY A 109 6.31 -3.29 -6.52
CA GLY A 109 5.03 -3.92 -6.35
C GLY A 109 4.86 -5.05 -7.32
N GLU A 110 4.26 -6.16 -6.89
CA GLU A 110 4.18 -7.32 -7.77
C GLU A 110 3.09 -7.19 -8.82
N TRP A 111 2.16 -6.25 -8.67
CA TRP A 111 1.26 -5.93 -9.77
C TRP A 111 1.98 -5.24 -10.92
N LEU A 112 3.20 -4.76 -10.68
CA LEU A 112 4.02 -4.12 -11.70
C LEU A 112 5.07 -5.04 -12.28
N GLN A 113 4.97 -6.35 -12.02
CA GLN A 113 6.02 -7.27 -12.44
C GLN A 113 6.00 -7.51 -13.94
N GLU A 114 4.82 -7.61 -14.54
CA GLU A 114 4.73 -7.75 -15.99
C GLU A 114 5.43 -6.60 -16.70
N LEU A 115 5.35 -5.39 -16.13
CA LEU A 115 6.08 -4.25 -16.68
C LEU A 115 7.57 -4.34 -16.34
N TYR A 116 7.92 -4.94 -15.21
CA TYR A 116 9.33 -5.07 -14.84
C TYR A 116 10.09 -5.91 -15.87
N GLU A 117 9.47 -6.98 -16.36
CA GLU A 117 10.17 -7.84 -17.32
C GLU A 117 10.38 -7.14 -18.66
N GLN A 118 9.46 -6.25 -19.03
CA GLN A 118 9.56 -5.54 -20.30
C GLN A 118 10.57 -4.40 -20.28
N GLY A 119 11.13 -4.08 -19.11
CA GLY A 119 12.11 -3.03 -19.00
C GLY A 119 11.65 -1.77 -18.30
N TYR A 120 10.46 -1.77 -17.68
CA TYR A 120 9.98 -0.60 -16.98
C TYR A 120 10.76 -0.41 -15.68
N ILE A 121 11.33 0.79 -15.51
CA ILE A 121 11.99 1.19 -14.29
C ILE A 121 11.16 2.32 -13.67
N PRO A 122 10.56 2.11 -12.49
CA PRO A 122 9.74 3.16 -11.87
C PRO A 122 10.50 4.47 -11.71
N GLN A 123 10.06 5.50 -12.43
CA GLN A 123 10.70 6.80 -12.40
C GLN A 123 9.87 7.79 -11.61
N LYS A 124 10.45 8.98 -11.40
CA LYS A 124 9.83 10.00 -10.57
C LYS A 124 8.39 10.25 -10.97
N GLU A 125 7.49 10.15 -9.99
CA GLU A 125 6.06 10.14 -10.24
C GLU A 125 5.35 10.73 -9.04
N LEU A 126 4.23 11.41 -9.29
CA LEU A 126 3.40 11.99 -8.25
C LEU A 126 2.27 11.03 -7.93
N ASN A 127 2.24 10.53 -6.70
CA ASN A 127 1.28 9.54 -6.26
C ASN A 127 0.45 10.11 -5.12
N SER A 128 -0.87 10.18 -5.31
CA SER A 128 -1.75 10.70 -4.27
C SER A 128 -2.06 9.65 -3.21
N ASP A 129 -1.94 8.36 -3.56
CA ASP A 129 -2.08 7.31 -2.56
C ASP A 129 -1.01 7.44 -1.47
N LEU A 130 0.16 7.98 -1.83
CA LEU A 130 1.27 8.11 -0.88
C LEU A 130 0.90 8.99 0.30
N THR A 131 -0.06 9.90 0.13
CA THR A 131 -0.41 10.81 1.22
C THR A 131 -1.00 10.06 2.41
N ILE A 132 -1.93 9.13 2.16
CA ILE A 132 -2.50 8.36 3.25
C ILE A 132 -1.47 7.37 3.79
N MET A 133 -0.53 6.92 2.96
CA MET A 133 0.51 6.02 3.43
C MET A 133 1.38 6.69 4.47
N LEU A 134 1.91 7.88 4.15
CA LEU A 134 2.75 8.60 5.10
C LEU A 134 1.98 9.03 6.34
N TYR A 135 0.67 9.29 6.19
CA TYR A 135 -0.13 9.68 7.33
C TYR A 135 -0.27 8.52 8.32
N GLN A 136 -0.64 7.33 7.81
CA GLN A 136 -0.76 6.18 8.69
C GLN A 136 0.59 5.61 9.11
N ALA A 137 1.65 5.89 8.35
CA ALA A 137 2.98 5.41 8.75
C ALA A 137 3.61 6.33 9.79
N LYS A 138 3.35 7.64 9.69
CA LYS A 138 3.80 8.56 10.73
C LYS A 138 3.18 8.20 12.08
N ARG A 139 2.00 7.58 12.07
CA ARG A 139 1.31 7.20 13.29
C ARG A 139 1.89 5.92 13.88
N LYS A 140 1.83 4.82 13.13
CA LYS A 140 2.24 3.51 13.58
C LYS A 140 3.23 2.93 12.58
N ASN A 141 4.48 2.75 13.01
CA ASN A 141 5.50 2.20 12.13
C ASN A 141 6.58 1.53 12.97
N LYS A 142 7.25 0.56 12.35
CA LYS A 142 8.36 -0.17 12.97
C LYS A 142 9.62 0.15 12.19
N ARG A 143 10.61 0.76 12.85
CA ARG A 143 11.86 1.11 12.19
C ARG A 143 12.84 -0.04 12.31
N ILE A 144 13.40 -0.45 11.17
CA ILE A 144 14.36 -1.55 11.11
C ILE A 144 15.76 -1.08 10.77
N TYR A 145 15.97 0.23 10.57
CA TYR A 145 17.28 0.81 10.34
C TYR A 145 17.19 2.34 10.32
N GLY A 146 18.21 3.02 10.85
CA GLY A 146 18.26 4.47 10.82
C GLY A 146 18.55 5.06 12.19
N ASN A 147 18.88 6.34 12.18
CA ASN A 147 19.20 7.08 13.39
C ASN A 147 18.08 8.04 13.80
N TYR A 148 16.94 7.99 13.12
CA TYR A 148 15.81 8.86 13.42
C TYR A 148 14.52 8.09 13.24
N ASP A 149 13.49 8.50 13.97
CA ASP A 149 12.16 7.97 13.74
C ASP A 149 11.51 8.69 12.55
N LEU A 150 10.52 8.02 11.94
CA LEU A 150 9.93 8.54 10.72
C LEU A 150 9.29 9.90 10.93
N GLU A 151 8.87 10.22 12.16
CA GLU A 151 8.10 11.44 12.36
C GLU A 151 8.98 12.69 12.35
N GLU A 152 10.28 12.55 12.58
CA GLU A 152 11.18 13.69 12.44
C GLU A 152 11.79 13.78 11.04
N LEU A 153 11.29 13.00 10.09
CA LEU A 153 11.71 13.09 8.69
C LEU A 153 10.63 13.65 7.79
N LEU A 154 9.41 13.81 8.28
CA LEU A 154 8.30 14.34 7.49
C LEU A 154 7.62 15.45 8.27
N PRO A 155 7.17 16.51 7.59
CA PRO A 155 6.45 17.57 8.30
C PRO A 155 5.07 17.08 8.70
N ASP A 156 4.43 17.86 9.57
CA ASP A 156 3.08 17.53 10.00
C ASP A 156 2.13 17.59 8.80
N ILE A 157 1.65 16.43 8.38
CA ILE A 157 0.75 16.33 7.23
C ILE A 157 -0.67 16.63 7.71
N PRO A 158 -1.34 17.63 7.16
CA PRO A 158 -2.67 18.01 7.66
C PRO A 158 -3.74 17.01 7.26
N PHE A 159 -4.71 16.81 8.15
CA PHE A 159 -5.84 15.95 7.85
C PHE A 159 -6.74 16.51 6.76
N SER A 160 -6.54 17.77 6.35
CA SER A 160 -7.25 18.29 5.19
C SER A 160 -6.79 17.60 3.91
N ASP A 161 -5.52 17.20 3.86
CA ASP A 161 -4.99 16.59 2.64
C ASP A 161 -5.29 15.11 2.54
N VAL A 162 -5.41 14.40 3.67
CA VAL A 162 -5.78 12.99 3.59
C VAL A 162 -7.22 12.86 3.10
N ARG A 163 -8.11 13.75 3.53
CA ARG A 163 -9.50 13.66 3.13
C ARG A 163 -9.66 13.82 1.63
N ARG A 164 -8.83 14.66 1.01
CA ARG A 164 -8.85 14.77 -0.44
C ARG A 164 -8.04 13.66 -1.09
N ALA A 165 -6.92 13.28 -0.48
CA ALA A 165 -6.18 12.12 -0.97
C ALA A 165 -7.04 10.86 -0.95
N ILE A 166 -7.92 10.75 0.06
CA ILE A 166 -8.89 9.66 0.07
C ILE A 166 -9.77 9.70 -1.18
N MET A 167 -10.38 10.86 -1.43
CA MET A 167 -11.36 10.97 -2.51
C MET A 167 -10.73 11.09 -3.88
N ASP A 168 -9.55 11.70 -3.98
CA ASP A 168 -8.85 11.71 -5.26
C ASP A 168 -8.56 10.29 -5.73
N SER A 169 -8.09 9.44 -4.82
CA SER A 169 -7.92 8.03 -5.14
C SER A 169 -9.24 7.29 -5.24
N SER A 170 -10.33 7.88 -4.72
CA SER A 170 -11.63 7.21 -4.79
C SER A 170 -12.14 7.15 -6.23
N GLU A 171 -12.20 8.29 -6.91
CA GLU A 171 -12.71 8.32 -8.27
C GLU A 171 -11.65 7.96 -9.30
N GLU A 172 -10.39 7.83 -8.90
CA GLU A 172 -9.42 7.07 -9.68
C GLU A 172 -9.74 5.58 -9.64
N LEU A 173 -10.41 5.14 -8.57
CA LEU A 173 -10.65 3.72 -8.34
C LEU A 173 -11.95 3.25 -8.98
N ILE A 174 -12.95 4.14 -9.05
CA ILE A 174 -14.22 3.80 -9.67
C ILE A 174 -14.04 3.47 -11.14
N ASP A 175 -13.04 4.06 -11.79
CA ASP A 175 -12.83 3.80 -13.22
C ASP A 175 -12.14 2.47 -13.46
N ASN A 176 -11.24 2.05 -12.57
CA ASN A 176 -10.45 0.84 -12.81
C ASN A 176 -10.63 -0.17 -11.69
N TYR A 177 -11.88 -0.42 -11.27
CA TYR A 177 -12.15 -1.53 -10.38
C TYR A 177 -11.96 -2.86 -11.07
N GLN A 178 -11.95 -2.87 -12.40
CA GLN A 178 -11.94 -4.12 -13.16
C GLN A 178 -10.69 -4.93 -12.85
N ASP A 179 -10.89 -6.22 -12.58
CA ASP A 179 -9.85 -7.23 -12.38
C ASP A 179 -9.15 -7.10 -11.03
N ASP A 180 -9.44 -6.03 -10.28
CA ASP A 180 -9.04 -5.98 -8.88
C ASP A 180 -10.26 -5.79 -8.00
N GLU A 181 -11.29 -6.60 -8.25
CA GLU A 181 -12.57 -6.43 -7.58
C GLU A 181 -12.45 -6.65 -6.07
N THR A 182 -11.78 -7.73 -5.68
CA THR A 182 -11.75 -8.10 -4.26
C THR A 182 -11.06 -7.05 -3.42
N ASN A 183 -10.00 -6.43 -3.94
CA ASN A 183 -9.23 -5.48 -3.14
C ASN A 183 -9.84 -4.09 -3.16
N SER A 184 -10.41 -3.68 -4.29
CA SER A 184 -10.93 -2.32 -4.41
C SER A 184 -12.24 -2.14 -3.64
N ILE A 185 -13.01 -3.22 -3.47
CA ILE A 185 -14.20 -3.15 -2.62
C ILE A 185 -13.80 -2.82 -1.20
N LEU A 186 -12.86 -3.57 -0.64
CA LEU A 186 -12.47 -3.42 0.75
C LEU A 186 -11.72 -2.11 0.99
N THR A 187 -10.99 -1.63 -0.02
CA THR A 187 -10.25 -0.38 0.14
C THR A 187 -11.19 0.81 0.32
N LEU A 188 -12.29 0.85 -0.45
CA LEU A 188 -13.23 1.97 -0.35
C LEU A 188 -13.85 2.04 1.04
N CYS A 189 -14.21 0.88 1.59
CA CYS A 189 -14.78 0.84 2.94
C CYS A 189 -13.79 1.38 3.97
N ARG A 190 -12.53 0.91 3.91
CA ARG A 190 -11.49 1.46 4.78
C ARG A 190 -11.40 2.98 4.65
N MET A 191 -11.67 3.51 3.46
CA MET A 191 -11.68 4.95 3.26
C MET A 191 -12.94 5.61 3.83
N ILE A 192 -14.08 4.92 3.77
CA ILE A 192 -15.30 5.43 4.39
C ILE A 192 -15.08 5.65 5.89
N LEU A 193 -14.38 4.70 6.54
CA LEU A 193 -14.16 4.79 7.97
C LEU A 193 -13.04 5.78 8.30
N THR A 194 -11.97 5.77 7.51
CA THR A 194 -10.84 6.68 7.74
C THR A 194 -11.25 8.14 7.65
N MET A 195 -12.29 8.46 6.90
CA MET A 195 -12.73 9.84 6.76
C MET A 195 -13.95 10.17 7.60
N ASP A 196 -14.55 9.19 8.26
CA ASP A 196 -15.63 9.43 9.22
C ASP A 196 -15.11 9.51 10.64
N THR A 197 -14.42 8.46 11.09
CA THR A 197 -13.84 8.42 12.43
C THR A 197 -12.41 8.94 12.45
N GLY A 198 -11.61 8.60 11.42
CA GLY A 198 -10.22 8.95 11.38
C GLY A 198 -9.27 7.79 11.55
N LYS A 199 -9.78 6.57 11.77
CA LYS A 199 -8.96 5.39 11.97
C LYS A 199 -8.72 4.69 10.65
N ILE A 200 -7.49 4.24 10.44
CA ILE A 200 -7.18 3.40 9.28
C ILE A 200 -7.04 1.98 9.78
N ILE A 201 -7.86 1.11 9.21
CA ILE A 201 -8.19 -0.20 9.75
C ILE A 201 -7.81 -1.19 8.66
N PRO A 202 -7.47 -2.43 9.01
CA PRO A 202 -7.20 -3.42 7.96
C PRO A 202 -8.45 -3.65 7.12
N LYS A 203 -8.24 -3.90 5.83
CA LYS A 203 -9.33 -4.16 4.92
C LYS A 203 -10.12 -5.41 5.30
N ASP A 204 -9.54 -6.29 6.11
CA ASP A 204 -10.27 -7.47 6.55
C ASP A 204 -11.50 -7.09 7.36
N ILE A 205 -11.31 -6.25 8.38
CA ILE A 205 -12.40 -5.87 9.28
C ILE A 205 -13.06 -4.55 8.85
N ALA A 206 -12.46 -3.80 7.94
CA ALA A 206 -13.12 -2.64 7.37
C ALA A 206 -14.33 -3.03 6.54
N GLY A 207 -14.24 -4.17 5.83
CA GLY A 207 -15.37 -4.60 5.02
C GLY A 207 -16.57 -4.99 5.86
N ASN A 208 -16.35 -5.82 6.88
CA ASN A 208 -17.46 -6.28 7.71
C ASN A 208 -18.11 -5.14 8.46
N ALA A 209 -17.37 -4.07 8.76
CA ALA A 209 -17.95 -2.94 9.47
C ALA A 209 -19.03 -2.26 8.63
N VAL A 210 -18.69 -1.90 7.38
CA VAL A 210 -19.67 -1.30 6.48
C VAL A 210 -20.65 -2.31 5.92
N ALA A 211 -20.33 -3.60 6.00
CA ALA A 211 -21.18 -4.61 5.38
C ALA A 211 -22.58 -4.55 5.95
N GLU A 212 -22.72 -4.81 7.24
CA GLU A 212 -24.03 -4.76 7.88
C GLU A 212 -24.56 -3.34 8.04
N SER A 213 -23.81 -2.32 7.62
CA SER A 213 -24.31 -0.95 7.60
C SER A 213 -24.71 -0.49 6.21
N SER A 214 -24.97 -1.44 5.31
CA SER A 214 -25.25 -1.15 3.91
C SER A 214 -26.33 -2.10 3.43
N PRO A 215 -27.02 -1.77 2.32
CA PRO A 215 -28.07 -2.65 1.79
C PRO A 215 -27.60 -4.09 1.58
N LEU A 216 -28.55 -5.03 1.57
CA LEU A 216 -28.21 -6.44 1.45
C LEU A 216 -27.47 -6.71 0.14
N GLU A 217 -27.95 -6.14 -0.96
CA GLU A 217 -27.32 -6.36 -2.27
C GLU A 217 -25.82 -6.08 -2.21
N HIS A 218 -25.44 -4.96 -1.61
CA HIS A 218 -24.02 -4.64 -1.44
C HIS A 218 -23.43 -5.38 -0.26
N ARG A 219 -24.24 -5.68 0.76
CA ARG A 219 -23.78 -6.46 1.91
C ARG A 219 -23.18 -7.78 1.47
N GLU A 220 -23.88 -8.52 0.61
CA GLU A 220 -23.39 -9.81 0.14
C GLU A 220 -22.04 -9.67 -0.55
N ARG A 221 -21.92 -8.70 -1.44
CA ARG A 221 -20.68 -8.54 -2.21
C ARG A 221 -19.53 -8.07 -1.34
N ILE A 222 -19.82 -7.31 -0.27
CA ILE A 222 -18.76 -6.91 0.65
C ILE A 222 -18.21 -8.12 1.38
N LEU A 223 -19.09 -9.03 1.82
CA LEU A 223 -18.64 -10.22 2.53
C LEU A 223 -18.00 -11.23 1.57
N LEU A 224 -18.39 -11.22 0.30
CA LEU A 224 -17.73 -12.09 -0.67
C LEU A 224 -16.29 -11.66 -0.91
N ALA A 225 -16.00 -10.36 -0.80
CA ALA A 225 -14.63 -9.88 -0.90
C ALA A 225 -13.87 -10.02 0.41
N VAL A 226 -14.58 -10.18 1.54
CA VAL A 226 -13.92 -10.52 2.78
C VAL A 226 -13.24 -11.87 2.67
N ARG A 227 -13.90 -12.83 2.00
CA ARG A 227 -13.36 -14.19 1.92
C ARG A 227 -12.20 -14.27 0.95
N SER A 228 -12.31 -13.62 -0.21
CA SER A 228 -11.35 -13.83 -1.29
C SER A 228 -9.96 -13.31 -0.93
N TYR A 229 -9.88 -12.33 -0.02
CA TYR A 229 -8.57 -11.92 0.46
C TYR A 229 -7.98 -12.93 1.44
N LEU A 230 -8.82 -13.79 2.03
CA LEU A 230 -8.37 -14.91 2.85
C LEU A 230 -8.19 -16.18 2.04
N GLY A 231 -7.77 -16.06 0.78
CA GLY A 231 -7.77 -17.20 -0.14
C GLY A 231 -9.12 -17.35 -0.81
N GLU A 232 -9.87 -18.39 -0.42
CA GLU A 232 -11.29 -18.56 -0.75
C GLU A 232 -11.63 -18.14 -2.17
N ASN A 233 -11.22 -18.94 -3.16
CA ASN A 233 -11.39 -18.63 -4.57
C ASN A 233 -12.82 -18.17 -4.88
N ILE A 234 -12.93 -16.97 -5.45
CA ILE A 234 -14.21 -16.37 -5.81
C ILE A 234 -14.06 -15.76 -7.19
N GLU A 235 -14.94 -16.15 -8.11
CA GLU A 235 -14.94 -15.61 -9.47
C GLU A 235 -16.00 -14.53 -9.56
N TRP A 236 -15.57 -13.30 -9.85
CA TRP A 236 -16.43 -12.13 -9.84
C TRP A 236 -17.14 -11.87 -11.16
N THR A 237 -16.96 -12.74 -12.17
CA THR A 237 -17.35 -12.37 -13.53
C THR A 237 -18.85 -12.20 -13.67
N ASN A 238 -19.65 -12.85 -12.83
CA ASN A 238 -21.10 -12.70 -12.88
C ASN A 238 -21.66 -11.90 -11.73
N GLU A 239 -20.87 -11.65 -10.69
CA GLU A 239 -21.27 -10.71 -9.65
C GLU A 239 -21.20 -9.28 -10.21
N ASN A 240 -22.16 -8.45 -9.80
CA ASN A 240 -22.27 -7.09 -10.31
C ASN A 240 -21.58 -6.14 -9.33
N VAL A 241 -20.25 -6.10 -9.40
CA VAL A 241 -19.46 -5.25 -8.53
C VAL A 241 -19.68 -3.77 -8.86
N ASN A 242 -20.12 -3.46 -10.08
CA ASN A 242 -20.37 -2.07 -10.46
C ASN A 242 -21.36 -1.41 -9.50
N LEU A 243 -22.39 -2.14 -9.08
CA LEU A 243 -23.41 -1.58 -8.20
C LEU A 243 -22.82 -1.24 -6.83
N THR A 244 -22.07 -2.18 -6.25
CA THR A 244 -21.50 -1.96 -4.93
C THR A 244 -20.41 -0.91 -4.96
N ILE A 245 -19.58 -0.90 -6.00
CA ILE A 245 -18.54 0.11 -6.13
C ILE A 245 -19.17 1.49 -6.28
N ASN A 246 -20.23 1.60 -7.08
CA ASN A 246 -20.96 2.85 -7.17
C ASN A 246 -21.55 3.25 -5.83
N TYR A 247 -22.03 2.27 -5.06
CA TYR A 247 -22.64 2.58 -3.76
C TYR A 247 -21.60 3.11 -2.78
N LEU A 248 -20.47 2.42 -2.64
CA LEU A 248 -19.45 2.85 -1.69
C LEU A 248 -18.86 4.20 -2.10
N ASN A 249 -18.74 4.44 -3.41
CA ASN A 249 -18.23 5.72 -3.87
C ASN A 249 -19.12 6.87 -3.40
N ASN A 250 -20.43 6.75 -3.60
CA ASN A 250 -21.34 7.81 -3.19
C ASN A 250 -21.45 7.90 -1.67
N ARG A 251 -21.37 6.77 -0.97
CA ARG A 251 -21.41 6.81 0.49
C ARG A 251 -20.22 7.57 1.05
N LEU A 252 -19.08 7.53 0.36
CA LEU A 252 -17.91 8.27 0.82
C LEU A 252 -18.05 9.77 0.57
N LYS A 253 -18.75 10.16 -0.50
CA LYS A 253 -18.89 11.57 -0.86
C LYS A 253 -19.58 12.35 0.24
N LYS A 254 -18.83 13.20 0.93
CA LYS A 254 -19.38 14.02 2.01
C LYS A 254 -18.45 15.18 2.34
#